data_5LW0
#
_entry.id   5LW0
#
_cell.length_a   73.496
_cell.length_b   91.318
_cell.length_c   62.882
_cell.angle_alpha   90.00
_cell.angle_beta   103.32
_cell.angle_gamma   90.00
#
_symmetry.space_group_name_H-M   'C 1 2 1'
#
loop_
_entity.id
_entity.type
_entity.pdbx_description
1 polymer 'Basic helix-loop-helix, putative, expressed'
2 non-polymer '[(2R,3S,4R,5R)-5-(6-AMINOPURIN-9-YL)-3,4-DIHYDROXY-OXOLAN-2-YL]METHYL [HYDROXY-[[(2R,3S,4R,5S)-3,4,5-TRIHYDROXYOXOLAN-2-YL]METHOXY]PHOSPHORYL] HYDROGEN PHOSPHATE'
3 non-polymer 'PHOSPHATE ION'
4 non-polymer GLYCINE
5 water water
#
_entity_poly.entity_id   1
_entity_poly.type   'polypeptide(L)'
_entity_poly.pdbx_seq_one_letter_code
;MGHHHHHHGGVKKELSNSKKIEDQSRESVLSDISSRTLAFPSISTADFQFDLDRASDIIVDAVADILQKYDNIRLVLVDL
SHKSRILSLVKEKAAKKNINSSRFFTFVGDITQLQSKGGLRCNVIANAANWRLKPGGGGVNAAIYNAAGEDLQRATKECA
DTLRPGSSVAVPLPSTSPLHQREGVTHIIHVLGPNMNPMRPDCLKNDYTKGSKILHEAYTSLFENFVAIVQ
;
_entity_poly.pdbx_strand_id   A,B
#
loop_
_chem_comp.id
_chem_comp.type
_chem_comp.name
_chem_comp.formula
AR6 non-polymer '[(2R,3S,4R,5R)-5-(6-AMINOPURIN-9-YL)-3,4-DIHYDROXY-OXOLAN-2-YL]METHYL [HYDROXY-[[(2R,3S,4R,5S)-3,4,5-TRIHYDROXYOXOLAN-2-YL]METHOXY]PHOSPHORYL] HYDROGEN PHOSPHATE' 'C15 H23 N5 O14 P2'
PO4 non-polymer 'PHOSPHATE ION' 'O4 P -3'
#
# COMPACT_ATOMS: atom_id res chain seq x y z
N LEU A 30 1.10 -5.15 -20.75
CA LEU A 30 0.11 -4.50 -19.82
C LEU A 30 0.38 -3.03 -19.69
N SER A 31 -0.68 -2.24 -19.58
CA SER A 31 -0.57 -0.84 -19.20
C SER A 31 0.06 -0.73 -17.79
N ASP A 32 0.38 0.49 -17.41
CA ASP A 32 0.98 0.75 -16.14
C ASP A 32 -0.02 0.30 -15.02
N ILE A 33 0.54 -0.13 -13.91
CA ILE A 33 -0.24 -0.54 -12.75
C ILE A 33 -1.23 0.53 -12.31
N SER A 34 -0.87 1.80 -12.33
CA SER A 34 -1.79 2.86 -11.88
CA SER A 34 -1.79 2.83 -11.85
C SER A 34 -3.04 2.91 -12.71
N SER A 35 -2.93 2.53 -13.98
CA SER A 35 -4.08 2.53 -14.88
CA SER A 35 -4.08 2.53 -14.86
C SER A 35 -4.99 1.34 -14.60
N ARG A 36 -4.49 0.34 -13.83
CA ARG A 36 -5.25 -0.81 -13.52
C ARG A 36 -5.52 -0.94 -12.02
N THR A 37 -5.55 0.20 -11.34
CA THR A 37 -5.80 0.27 -9.94
C THR A 37 -7.02 1.15 -9.67
N LEU A 38 -7.93 0.60 -8.87
CA LEU A 38 -9.09 1.31 -8.37
C LEU A 38 -8.94 1.54 -6.87
N ALA A 39 -9.03 2.76 -6.45
CA ALA A 39 -9.17 3.08 -5.00
C ALA A 39 -10.64 3.34 -4.74
N PHE A 40 -11.15 2.79 -3.69
CA PHE A 40 -12.51 3.00 -3.32
C PHE A 40 -12.65 3.16 -1.83
N PRO A 41 -13.64 3.96 -1.39
CA PRO A 41 -13.97 4.04 0.01
C PRO A 41 -15.04 3.03 0.40
N SER A 42 -15.31 2.89 1.69
CA SER A 42 -16.34 2.00 2.16
C SER A 42 -17.72 2.62 1.91
N ILE A 43 -18.40 2.10 0.94
CA ILE A 43 -19.71 2.61 0.58
C ILE A 43 -20.75 2.37 1.64
N SER A 44 -21.50 3.42 1.96
CA SER A 44 -22.72 3.36 2.85
C SER A 44 -22.40 3.36 4.35
N THR A 45 -21.13 3.31 4.76
CA THR A 45 -20.85 3.13 6.20
C THR A 45 -20.64 4.38 7.03
N ALA A 46 -20.78 5.55 6.47
CA ALA A 46 -20.70 6.78 7.34
C ALA A 46 -22.03 7.51 7.32
N ASP A 47 -22.24 8.39 6.35
CA ASP A 47 -23.53 9.12 6.23
C ASP A 47 -24.72 8.18 6.12
N PHE A 48 -24.57 7.04 5.43
CA PHE A 48 -25.68 6.12 5.21
C PHE A 48 -25.83 5.02 6.34
N GLN A 49 -24.94 5.06 7.33
CA GLN A 49 -25.08 4.31 8.59
C GLN A 49 -25.27 2.82 8.43
N PHE A 50 -24.65 2.25 7.40
CA PHE A 50 -24.67 0.82 7.25
C PHE A 50 -23.76 0.14 8.24
N ASP A 51 -24.25 -0.92 8.88
CA ASP A 51 -23.47 -1.70 9.86
C ASP A 51 -22.07 -2.11 9.37
N LEU A 52 -21.04 -1.81 10.17
CA LEU A 52 -19.63 -2.07 9.69
C LEU A 52 -19.29 -3.50 9.61
N ASP A 53 -19.77 -4.31 10.55
CA ASP A 53 -19.49 -5.72 10.50
C ASP A 53 -20.05 -6.35 9.24
N ARG A 54 -21.33 -6.05 8.95
CA ARG A 54 -21.93 -6.58 7.74
C ARG A 54 -21.23 -6.04 6.46
N ALA A 55 -20.96 -4.75 6.46
CA ALA A 55 -20.27 -4.11 5.29
C ALA A 55 -18.93 -4.78 5.03
N SER A 56 -18.15 -5.03 6.10
CA SER A 56 -16.84 -5.57 5.88
C SER A 56 -16.92 -7.01 5.28
N ASP A 57 -17.91 -7.82 5.68
CA ASP A 57 -18.11 -9.09 5.11
C ASP A 57 -18.41 -8.95 3.61
N ILE A 58 -19.27 -8.00 3.29
CA ILE A 58 -19.70 -7.79 1.90
C ILE A 58 -18.53 -7.31 1.00
N ILE A 59 -17.72 -6.38 1.53
CA ILE A 59 -16.54 -5.90 0.79
C ILE A 59 -15.65 -7.07 0.41
N VAL A 60 -15.29 -7.88 1.39
CA VAL A 60 -14.36 -8.96 1.16
C VAL A 60 -14.92 -10.03 0.23
N ASP A 61 -16.20 -10.33 0.35
CA ASP A 61 -16.82 -11.25 -0.61
C ASP A 61 -16.88 -10.71 -2.01
N ALA A 62 -17.21 -9.41 -2.17
CA ALA A 62 -17.28 -8.79 -3.52
C ALA A 62 -15.89 -8.72 -4.17
N VAL A 63 -14.90 -8.42 -3.35
CA VAL A 63 -13.50 -8.35 -3.83
C VAL A 63 -13.03 -9.74 -4.26
N ALA A 64 -13.28 -10.73 -3.42
CA ALA A 64 -12.88 -12.11 -3.76
C ALA A 64 -13.54 -12.54 -5.07
N ASP A 65 -14.84 -12.24 -5.21
CA ASP A 65 -15.59 -12.61 -6.42
C ASP A 65 -15.01 -11.97 -7.68
N ILE A 66 -14.70 -10.64 -7.68
CA ILE A 66 -14.18 -10.01 -8.85
C ILE A 66 -12.72 -10.50 -9.18
N LEU A 67 -11.90 -10.71 -8.16
CA LEU A 67 -10.51 -11.10 -8.38
C LEU A 67 -10.45 -12.50 -8.92
N GLN A 68 -11.46 -13.33 -8.60
CA GLN A 68 -11.54 -14.69 -9.17
C GLN A 68 -11.76 -14.63 -10.68
N LYS A 69 -12.29 -13.52 -11.21
CA LYS A 69 -12.65 -13.40 -12.62
CA LYS A 69 -12.66 -13.43 -12.62
C LYS A 69 -11.68 -12.60 -13.47
N TYR A 70 -11.08 -11.62 -12.88
CA TYR A 70 -10.35 -10.74 -13.73
C TYR A 70 -8.97 -10.66 -13.21
N ASP A 71 -8.06 -10.89 -14.15
CA ASP A 71 -6.70 -10.73 -13.92
C ASP A 71 -6.33 -9.27 -14.09
N ASN A 72 -5.18 -9.01 -13.54
CA ASN A 72 -4.41 -7.82 -13.86
C ASN A 72 -5.10 -6.57 -13.39
N ILE A 73 -5.94 -6.68 -12.37
CA ILE A 73 -6.51 -5.47 -11.71
C ILE A 73 -6.07 -5.47 -10.29
N ARG A 74 -6.05 -4.28 -9.71
CA ARG A 74 -5.72 -4.12 -8.33
CA ARG A 74 -5.70 -4.11 -8.32
C ARG A 74 -6.76 -3.24 -7.67
N LEU A 75 -7.18 -3.62 -6.46
CA LEU A 75 -8.24 -2.93 -5.74
C LEU A 75 -7.73 -2.46 -4.40
N VAL A 76 -7.99 -1.22 -4.07
CA VAL A 76 -7.43 -0.63 -2.84
C VAL A 76 -8.61 0.08 -2.06
N LEU A 77 -8.92 -0.45 -0.87
CA LEU A 77 -9.89 0.16 0.02
C LEU A 77 -9.21 1.26 0.82
N VAL A 78 -9.74 2.47 0.74
CA VAL A 78 -9.14 3.59 1.42
CA VAL A 78 -9.14 3.61 1.38
C VAL A 78 -10.08 4.17 2.47
N ASP A 79 -9.47 4.66 3.57
CA ASP A 79 -10.21 5.45 4.57
C ASP A 79 -9.20 6.46 5.14
N LEU A 80 -9.73 7.53 5.70
CA LEU A 80 -8.90 8.67 6.09
C LEU A 80 -8.04 8.41 7.30
N SER A 81 -8.53 7.64 8.24
CA SER A 81 -7.83 7.50 9.51
C SER A 81 -7.25 6.15 9.72
N HIS A 82 -6.05 6.09 10.32
CA HIS A 82 -5.48 4.81 10.72
C HIS A 82 -6.24 4.07 11.76
N LYS A 83 -7.14 4.76 12.47
CA LYS A 83 -8.01 4.10 13.44
C LYS A 83 -9.29 3.59 12.85
N SER A 84 -9.45 3.77 11.54
CA SER A 84 -10.66 3.26 10.83
C SER A 84 -11.06 1.86 11.23
N ARG A 85 -12.29 1.73 11.72
CA ARG A 85 -12.81 0.49 12.07
C ARG A 85 -13.10 -0.37 10.84
N ILE A 86 -13.58 0.23 9.76
CA ILE A 86 -13.85 -0.56 8.57
C ILE A 86 -12.53 -1.11 7.97
N LEU A 87 -11.46 -0.34 8.01
CA LEU A 87 -10.18 -0.90 7.51
C LEU A 87 -9.70 -2.07 8.38
N SER A 88 -9.85 -1.95 9.69
CA SER A 88 -9.42 -3.01 10.61
CA SER A 88 -9.42 -3.01 10.60
C SER A 88 -10.20 -4.32 10.41
N LEU A 89 -11.54 -4.19 10.22
CA LEU A 89 -12.38 -5.32 9.97
C LEU A 89 -12.08 -5.96 8.66
N VAL A 90 -11.92 -5.15 7.62
CA VAL A 90 -11.64 -5.70 6.33
C VAL A 90 -10.31 -6.40 6.31
N LYS A 91 -9.30 -5.82 6.94
CA LYS A 91 -7.96 -6.52 7.01
C LYS A 91 -8.10 -7.92 7.63
N GLU A 92 -8.85 -8.01 8.73
CA GLU A 92 -8.99 -9.27 9.47
C GLU A 92 -9.67 -10.32 8.60
N LYS A 93 -10.72 -9.88 7.92
CA LYS A 93 -11.50 -10.77 7.09
C LYS A 93 -10.79 -11.14 5.79
N ALA A 94 -10.03 -10.19 5.19
CA ALA A 94 -9.31 -10.52 4.02
C ALA A 94 -8.23 -11.55 4.29
N ALA A 95 -7.58 -11.44 5.44
CA ALA A 95 -6.58 -12.43 5.85
C ALA A 95 -7.22 -13.84 6.06
N LYS A 96 -8.36 -13.89 6.72
CA LYS A 96 -9.09 -15.16 6.91
C LYS A 96 -9.45 -15.79 5.59
N LYS A 97 -9.89 -14.97 4.63
CA LYS A 97 -10.33 -15.45 3.33
C LYS A 97 -9.20 -15.67 2.36
N ASN A 98 -7.99 -15.38 2.78
CA ASN A 98 -6.86 -15.52 1.96
C ASN A 98 -6.95 -14.81 0.66
N ILE A 99 -7.46 -13.59 0.69
CA ILE A 99 -7.41 -12.76 -0.50
C ILE A 99 -5.97 -12.44 -0.92
N ASN A 100 -5.70 -12.52 -2.22
CA ASN A 100 -4.38 -12.21 -2.74
C ASN A 100 -3.96 -10.77 -2.42
N SER A 101 -2.97 -10.61 -1.55
CA SER A 101 -2.62 -9.30 -1.02
C SER A 101 -1.78 -8.43 -1.96
N SER A 102 -1.38 -8.93 -3.13
CA SER A 102 -0.90 -8.04 -4.18
C SER A 102 -2.01 -7.42 -5.00
N ARG A 103 -3.20 -8.03 -4.96
CA ARG A 103 -4.29 -7.61 -5.83
C ARG A 103 -5.34 -6.82 -5.05
N PHE A 104 -5.42 -7.02 -3.72
CA PHE A 104 -6.27 -6.18 -2.86
C PHE A 104 -5.53 -5.84 -1.59
N PHE A 105 -5.61 -4.60 -1.18
CA PHE A 105 -5.15 -4.20 0.11
C PHE A 105 -5.87 -2.97 0.60
N THR A 106 -5.71 -2.66 1.89
CA THR A 106 -6.30 -1.43 2.47
C THR A 106 -5.22 -0.37 2.53
N PHE A 107 -5.61 0.89 2.61
CA PHE A 107 -4.66 1.98 2.58
C PHE A 107 -5.27 3.16 3.31
N VAL A 108 -4.48 3.76 4.19
CA VAL A 108 -4.91 4.96 4.92
C VAL A 108 -4.56 6.20 4.14
N GLY A 109 -5.55 7.02 3.85
CA GLY A 109 -5.32 8.21 3.09
C GLY A 109 -6.57 8.91 2.65
N ASP A 110 -6.37 10.06 2.09
CA ASP A 110 -7.44 10.83 1.48
C ASP A 110 -7.47 10.37 0.01
N ILE A 111 -8.63 9.89 -0.41
CA ILE A 111 -8.82 9.41 -1.76
C ILE A 111 -8.54 10.43 -2.85
N THR A 112 -8.59 11.73 -2.49
CA THR A 112 -8.28 12.80 -3.44
C THR A 112 -6.81 13.25 -3.38
N GLN A 113 -5.99 12.59 -2.54
CA GLN A 113 -4.58 12.91 -2.43
C GLN A 113 -3.72 11.64 -2.36
N LEU A 114 -4.10 10.61 -3.13
CA LEU A 114 -3.38 9.40 -3.02
C LEU A 114 -1.92 9.50 -3.55
N GLN A 115 -1.69 10.17 -4.67
CA GLN A 115 -0.33 10.28 -5.24
C GLN A 115 0.48 11.29 -4.43
N SER A 116 -0.11 12.45 -4.18
CA SER A 116 0.67 13.57 -3.55
C SER A 116 0.99 13.31 -2.08
N LYS A 117 0.00 12.86 -1.30
CA LYS A 117 0.23 12.55 0.13
C LYS A 117 0.44 11.07 0.43
N GLY A 118 -0.23 10.22 -0.31
CA GLY A 118 -0.07 8.81 -0.10
C GLY A 118 1.13 8.15 -0.78
N GLY A 119 1.63 8.74 -1.87
CA GLY A 119 2.68 8.12 -2.59
C GLY A 119 2.24 6.93 -3.43
N LEU A 120 0.94 6.83 -3.67
CA LEU A 120 0.39 5.67 -4.39
C LEU A 120 -0.45 6.17 -5.53
N ARG A 121 -0.02 5.97 -6.76
CA ARG A 121 -0.90 6.47 -7.85
C ARG A 121 -1.94 5.47 -8.22
N CYS A 122 -3.13 5.99 -8.22
CA CYS A 122 -4.37 5.22 -8.59
CA CYS A 122 -4.24 5.28 -8.57
C CYS A 122 -5.13 6.08 -9.56
N ASN A 123 -5.33 5.57 -10.77
CA ASN A 123 -5.96 6.39 -11.85
C ASN A 123 -7.49 6.43 -11.76
N VAL A 124 -8.10 5.42 -11.14
CA VAL A 124 -9.54 5.39 -11.05
C VAL A 124 -9.91 5.44 -9.59
N ILE A 125 -10.83 6.35 -9.23
CA ILE A 125 -11.35 6.35 -7.87
C ILE A 125 -12.86 6.26 -7.85
N ALA A 126 -13.39 5.62 -6.80
CA ALA A 126 -14.85 5.56 -6.59
C ALA A 126 -15.33 6.61 -5.64
N ASN A 127 -16.55 7.06 -5.87
CA ASN A 127 -17.22 8.04 -5.03
C ASN A 127 -18.48 7.46 -4.41
N ALA A 128 -18.72 7.71 -3.12
CA ALA A 128 -19.94 7.36 -2.52
C ALA A 128 -20.93 8.50 -2.74
N ALA A 129 -21.71 8.34 -3.79
CA ALA A 129 -22.51 9.43 -4.33
C ALA A 129 -23.82 9.53 -3.65
N ASN A 130 -24.57 10.61 -3.97
CA ASN A 130 -26.02 10.63 -3.71
C ASN A 130 -26.84 10.42 -5.01
N TRP A 131 -28.13 10.18 -4.87
CA TRP A 131 -28.89 9.67 -6.01
C TRP A 131 -29.03 10.69 -7.13
N ARG A 132 -28.91 11.96 -6.78
CA ARG A 132 -29.04 13.04 -7.76
C ARG A 132 -27.70 13.40 -8.40
N LEU A 133 -26.64 12.74 -7.97
CA LEU A 133 -25.26 12.98 -8.46
C LEU A 133 -24.81 14.45 -8.30
N LYS A 134 -25.14 15.03 -7.16
CA LYS A 134 -24.82 16.44 -6.93
C LYS A 134 -23.61 16.55 -6.01
N PRO A 135 -22.91 17.63 -6.11
CA PRO A 135 -21.79 17.93 -5.20
C PRO A 135 -22.22 18.23 -3.80
N GLY A 136 -21.22 18.42 -2.94
CA GLY A 136 -21.47 18.78 -1.57
C GLY A 136 -21.95 17.61 -0.75
N GLY A 137 -22.66 17.92 0.35
CA GLY A 137 -23.27 16.88 1.19
C GLY A 137 -22.31 16.21 2.17
N GLY A 138 -21.15 16.79 2.36
CA GLY A 138 -20.16 16.13 3.20
C GLY A 138 -19.71 14.76 2.66
N GLY A 139 -18.95 14.08 3.50
CA GLY A 139 -18.35 12.82 3.15
C GLY A 139 -17.41 12.86 1.96
N VAL A 140 -17.20 11.68 1.40
CA VAL A 140 -16.27 11.57 0.34
C VAL A 140 -16.77 12.25 -0.91
N ASN A 141 -18.09 12.30 -1.10
CA ASN A 141 -18.65 12.99 -2.27
C ASN A 141 -18.25 14.48 -2.30
N ALA A 142 -18.34 15.13 -1.13
CA ALA A 142 -17.88 16.53 -1.06
C ALA A 142 -16.43 16.70 -1.38
N ALA A 143 -15.62 15.79 -0.84
CA ALA A 143 -14.19 15.86 -1.03
C ALA A 143 -13.80 15.69 -2.49
N ILE A 144 -14.42 14.69 -3.18
CA ILE A 144 -14.11 14.45 -4.53
C ILE A 144 -14.50 15.61 -5.42
N TYR A 145 -15.72 16.11 -5.26
CA TYR A 145 -16.18 17.21 -6.13
C TYR A 145 -15.31 18.48 -5.87
N ASN A 146 -14.93 18.72 -4.60
CA ASN A 146 -14.05 19.88 -4.26
C ASN A 146 -12.71 19.76 -4.87
N ALA A 147 -12.18 18.53 -4.91
CA ALA A 147 -10.86 18.34 -5.50
C ALA A 147 -10.90 18.37 -7.00
N ALA A 148 -11.97 17.82 -7.59
CA ALA A 148 -12.06 17.69 -9.02
C ALA A 148 -12.50 19.02 -9.71
N GLY A 149 -13.32 19.76 -9.00
CA GLY A 149 -13.88 21.02 -9.50
C GLY A 149 -15.01 20.82 -10.48
N GLU A 150 -15.47 21.93 -11.04
CA GLU A 150 -16.67 21.91 -11.85
C GLU A 150 -16.55 20.95 -13.07
N ASP A 151 -15.34 20.64 -13.55
CA ASP A 151 -15.16 19.66 -14.65
C ASP A 151 -15.92 18.34 -14.35
N LEU A 152 -15.91 17.91 -13.09
CA LEU A 152 -16.56 16.63 -12.77
C LEU A 152 -18.06 16.74 -12.86
N GLN A 153 -18.63 17.87 -12.46
CA GLN A 153 -20.10 18.05 -12.59
C GLN A 153 -20.49 18.10 -14.12
N ARG A 154 -19.72 18.82 -14.94
CA ARG A 154 -19.95 18.82 -16.39
C ARG A 154 -19.88 17.42 -17.01
N ALA A 155 -18.86 16.66 -16.63
CA ALA A 155 -18.66 15.36 -17.19
C ALA A 155 -19.71 14.38 -16.72
N THR A 156 -20.11 14.51 -15.47
CA THR A 156 -21.08 13.56 -14.89
C THR A 156 -22.45 13.74 -15.56
N LYS A 157 -22.84 15.01 -15.78
CA LYS A 157 -24.12 15.31 -16.45
C LYS A 157 -24.22 14.74 -17.88
N GLU A 158 -23.09 14.59 -18.54
CA GLU A 158 -23.02 13.90 -19.83
C GLU A 158 -23.20 12.38 -19.79
N CYS A 159 -23.02 11.77 -18.62
CA CYS A 159 -23.11 10.29 -18.48
C CYS A 159 -24.45 9.84 -17.92
N ALA A 160 -24.94 10.51 -16.89
CA ALA A 160 -26.16 10.07 -16.23
C ALA A 160 -26.78 11.22 -15.45
N ASP A 161 -28.09 11.09 -15.23
CA ASP A 161 -28.83 12.10 -14.45
CA ASP A 161 -28.92 12.07 -14.51
C ASP A 161 -29.17 11.62 -13.07
N THR A 162 -29.17 10.31 -12.83
CA THR A 162 -29.47 9.81 -11.51
C THR A 162 -28.82 8.47 -11.35
N LEU A 163 -28.74 8.02 -10.09
CA LEU A 163 -28.45 6.59 -9.76
C LEU A 163 -29.54 6.04 -8.91
N ARG A 164 -29.79 4.76 -9.05
CA ARG A 164 -30.61 4.05 -8.11
CA ARG A 164 -30.61 4.03 -8.12
C ARG A 164 -29.71 3.21 -7.23
N PRO A 165 -30.18 2.90 -6.01
CA PRO A 165 -29.27 2.17 -5.07
C PRO A 165 -28.81 0.85 -5.66
N GLY A 166 -27.50 0.58 -5.53
CA GLY A 166 -26.95 -0.65 -6.03
C GLY A 166 -26.34 -0.53 -7.40
N SER A 167 -26.17 0.68 -7.88
CA SER A 167 -25.66 0.91 -9.23
C SER A 167 -24.58 1.97 -9.23
N SER A 168 -23.89 2.10 -10.36
CA SER A 168 -22.77 3.00 -10.43
C SER A 168 -22.67 3.52 -11.87
N VAL A 169 -21.91 4.59 -12.06
CA VAL A 169 -21.64 5.15 -13.39
C VAL A 169 -20.22 5.69 -13.46
N ALA A 170 -19.52 5.32 -14.54
CA ALA A 170 -18.15 5.72 -14.76
C ALA A 170 -18.13 6.97 -15.51
N VAL A 171 -17.33 7.91 -15.03
CA VAL A 171 -17.23 9.24 -15.67
C VAL A 171 -15.78 9.52 -15.96
N PRO A 172 -15.45 9.84 -17.23
CA PRO A 172 -14.06 10.25 -17.48
C PRO A 172 -13.81 11.64 -16.98
N LEU A 173 -12.69 11.84 -16.29
CA LEU A 173 -12.38 13.11 -15.66
C LEU A 173 -11.49 13.93 -16.62
N PRO A 174 -11.98 15.10 -17.07
CA PRO A 174 -11.18 15.91 -17.99
C PRO A 174 -9.80 16.20 -17.48
N SER A 175 -8.82 16.21 -18.38
CA SER A 175 -7.44 16.43 -18.02
C SER A 175 -7.21 17.81 -17.38
N THR A 176 -8.12 18.72 -17.61
CA THR A 176 -8.02 20.05 -17.02
C THR A 176 -8.33 20.07 -15.54
N SER A 177 -8.86 18.96 -14.99
CA SER A 177 -9.22 18.93 -13.59
C SER A 177 -7.96 18.94 -12.74
N PRO A 178 -7.92 19.79 -11.68
CA PRO A 178 -6.80 19.75 -10.75
C PRO A 178 -6.54 18.34 -10.17
N LEU A 179 -7.62 17.57 -9.96
CA LEU A 179 -7.47 16.19 -9.47
C LEU A 179 -6.71 15.30 -10.48
N HIS A 180 -6.93 15.51 -11.78
CA HIS A 180 -6.22 14.78 -12.81
CA HIS A 180 -6.17 14.78 -12.78
C HIS A 180 -4.71 15.26 -12.79
N GLN A 181 -4.52 16.57 -12.81
CA GLN A 181 -3.18 17.15 -12.85
C GLN A 181 -2.32 16.75 -11.66
N ARG A 182 -2.90 16.76 -10.47
CA ARG A 182 -2.12 16.54 -9.23
C ARG A 182 -2.03 15.10 -8.85
N GLU A 183 -3.08 14.32 -9.16
CA GLU A 183 -3.13 12.94 -8.65
C GLU A 183 -3.19 11.87 -9.73
N GLY A 184 -3.29 12.25 -11.00
CA GLY A 184 -3.28 11.29 -12.09
C GLY A 184 -4.63 10.58 -12.31
N VAL A 185 -5.67 11.06 -11.66
CA VAL A 185 -7.00 10.42 -11.75
C VAL A 185 -7.55 10.70 -13.17
N THR A 186 -7.98 9.63 -13.84
CA THR A 186 -8.52 9.70 -15.19
C THR A 186 -10.05 9.40 -15.24
N HIS A 187 -10.58 8.76 -14.17
CA HIS A 187 -11.99 8.40 -14.11
C HIS A 187 -12.45 8.37 -12.70
N ILE A 188 -13.69 8.77 -12.51
CA ILE A 188 -14.37 8.64 -11.24
C ILE A 188 -15.59 7.77 -11.46
N ILE A 189 -15.80 6.82 -10.60
CA ILE A 189 -16.99 6.00 -10.67
C ILE A 189 -17.88 6.35 -9.50
N HIS A 190 -19.02 6.99 -9.78
CA HIS A 190 -19.99 7.30 -8.76
C HIS A 190 -20.76 6.02 -8.44
N VAL A 191 -20.92 5.71 -7.16
CA VAL A 191 -21.62 4.50 -6.69
C VAL A 191 -22.68 4.92 -5.69
N LEU A 192 -23.87 4.38 -5.79
CA LEU A 192 -24.93 4.69 -4.79
C LEU A 192 -25.15 3.41 -3.98
N GLY A 193 -24.82 3.47 -2.69
CA GLY A 193 -25.07 2.35 -1.85
C GLY A 193 -26.46 2.41 -1.20
N PRO A 194 -26.83 1.37 -0.45
CA PRO A 194 -28.08 1.41 0.35
C PRO A 194 -27.99 2.37 1.45
N ASN A 195 -29.12 2.96 1.80
CA ASN A 195 -29.14 3.91 2.88
C ASN A 195 -29.93 3.33 4.09
N MET A 196 -29.25 3.29 5.23
CA MET A 196 -29.87 2.95 6.54
C MET A 196 -30.19 4.12 7.43
N ASN A 197 -29.83 5.33 7.00
CA ASN A 197 -30.00 6.56 7.79
C ASN A 197 -31.42 7.17 7.51
N PRO A 198 -32.25 7.26 8.56
CA PRO A 198 -33.68 7.62 8.31
C PRO A 198 -33.86 9.07 7.84
N MET A 199 -32.80 9.85 7.92
CA MET A 199 -32.81 11.22 7.43
C MET A 199 -32.25 11.36 6.00
N ARG A 200 -32.26 10.26 5.24
CA ARG A 200 -31.82 10.27 3.88
C ARG A 200 -32.78 9.49 3.01
N PRO A 201 -32.73 9.75 1.68
CA PRO A 201 -33.68 9.15 0.75
C PRO A 201 -33.57 7.64 0.70
N ASP A 202 -34.68 6.98 0.37
CA ASP A 202 -34.73 5.56 0.26
C ASP A 202 -34.09 4.88 1.49
N CYS A 203 -34.39 5.35 2.72
CA CYS A 203 -33.95 4.59 3.97
C CYS A 203 -34.57 3.21 3.98
N LEU A 204 -33.75 2.18 4.26
CA LEU A 204 -34.20 0.79 4.24
C LEU A 204 -34.76 0.32 5.61
N LYS A 205 -34.73 1.19 6.58
CA LYS A 205 -35.28 0.88 7.91
C LYS A 205 -34.80 -0.49 8.44
N ASN A 206 -33.48 -0.68 8.43
CA ASN A 206 -32.86 -1.94 8.89
C ASN A 206 -33.38 -3.25 8.26
N ASP A 207 -33.99 -3.15 7.04
CA ASP A 207 -34.15 -4.32 6.19
C ASP A 207 -32.79 -4.65 5.63
N TYR A 208 -31.99 -5.39 6.39
CA TYR A 208 -30.64 -5.79 5.96
C TYR A 208 -30.59 -6.92 4.96
N THR A 209 -31.70 -7.64 4.76
CA THR A 209 -31.76 -8.58 3.68
C THR A 209 -31.67 -7.79 2.40
N LYS A 210 -32.50 -6.77 2.26
CA LYS A 210 -32.49 -5.97 1.07
C LYS A 210 -31.18 -5.13 1.06
N GLY A 211 -30.85 -4.55 2.20
CA GLY A 211 -29.65 -3.73 2.34
C GLY A 211 -28.38 -4.42 1.92
N SER A 212 -28.19 -5.64 2.37
CA SER A 212 -27.01 -6.43 2.03
C SER A 212 -26.97 -6.76 0.57
N LYS A 213 -28.13 -7.14 -0.01
CA LYS A 213 -28.20 -7.37 -1.47
C LYS A 213 -27.79 -6.10 -2.23
N ILE A 214 -28.31 -4.95 -1.83
CA ILE A 214 -28.04 -3.72 -2.57
C ILE A 214 -26.56 -3.31 -2.42
N LEU A 215 -25.97 -3.51 -1.24
CA LEU A 215 -24.54 -3.15 -1.08
C LEU A 215 -23.68 -4.10 -1.92
N HIS A 216 -24.00 -5.42 -1.93
CA HIS A 216 -23.33 -6.39 -2.83
C HIS A 216 -23.41 -5.87 -4.26
N GLU A 217 -24.63 -5.53 -4.69
CA GLU A 217 -24.84 -5.02 -6.06
C GLU A 217 -24.02 -3.75 -6.36
N ALA A 218 -23.94 -2.83 -5.40
CA ALA A 218 -23.16 -1.59 -5.56
C ALA A 218 -21.71 -1.92 -5.80
N TYR A 219 -21.16 -2.82 -5.00
CA TYR A 219 -19.73 -3.16 -5.19
C TYR A 219 -19.49 -3.90 -6.49
N THR A 220 -20.38 -4.82 -6.83
CA THR A 220 -20.20 -5.56 -8.14
C THR A 220 -20.31 -4.62 -9.30
N SER A 221 -21.22 -3.63 -9.21
CA SER A 221 -21.41 -2.68 -10.25
CA SER A 221 -21.40 -2.70 -10.30
C SER A 221 -20.15 -1.80 -10.42
N LEU A 222 -19.63 -1.32 -9.30
CA LEU A 222 -18.40 -0.57 -9.24
C LEU A 222 -17.25 -1.34 -9.92
N PHE A 223 -17.05 -2.57 -9.50
CA PHE A 223 -15.92 -3.34 -9.98
C PHE A 223 -16.07 -3.67 -11.42
N GLU A 224 -17.29 -3.94 -11.86
CA GLU A 224 -17.56 -4.21 -13.30
CA GLU A 224 -17.53 -4.21 -13.28
C GLU A 224 -17.33 -2.96 -14.16
N ASN A 225 -17.76 -1.80 -13.69
CA ASN A 225 -17.44 -0.55 -14.39
C ASN A 225 -15.96 -0.31 -14.47
N PHE A 226 -15.25 -0.63 -13.41
CA PHE A 226 -13.80 -0.42 -13.40
C PHE A 226 -13.13 -1.35 -14.42
N VAL A 227 -13.51 -2.59 -14.40
CA VAL A 227 -12.95 -3.55 -15.39
C VAL A 227 -13.25 -3.12 -16.79
N ALA A 228 -14.44 -2.58 -17.04
CA ALA A 228 -14.80 -2.10 -18.40
C ALA A 228 -13.95 -0.90 -18.85
N ILE A 229 -13.41 -0.15 -17.91
CA ILE A 229 -12.48 0.97 -18.22
C ILE A 229 -11.10 0.37 -18.58
N VAL A 230 -10.64 -0.59 -17.80
CA VAL A 230 -9.35 -1.23 -17.98
C VAL A 230 -9.32 -2.04 -19.25
N GLN A 231 -10.41 -2.73 -19.55
CA GLN A 231 -10.46 -3.59 -20.73
C GLN A 231 -11.77 -3.41 -21.47
N SER B 28 7.06 24.16 1.59
CA SER B 28 6.46 23.06 2.40
C SER B 28 7.33 22.74 3.62
N VAL B 29 6.70 22.35 4.70
CA VAL B 29 7.41 22.08 5.91
C VAL B 29 8.06 20.69 5.85
N LEU B 30 7.41 19.74 5.16
CA LEU B 30 7.97 18.35 4.97
C LEU B 30 8.25 18.03 3.51
N SER B 31 9.32 17.28 3.26
CA SER B 31 9.55 16.73 1.96
C SER B 31 8.42 15.73 1.59
N ASP B 32 8.40 15.34 0.32
CA ASP B 32 7.37 14.44 -0.20
C ASP B 32 7.46 13.10 0.58
N ILE B 33 6.31 12.43 0.72
CA ILE B 33 6.25 11.18 1.44
C ILE B 33 7.23 10.11 0.94
N SER B 34 7.46 10.02 -0.36
CA SER B 34 8.40 9.00 -0.85
CA SER B 34 8.42 9.01 -0.87
C SER B 34 9.83 9.23 -0.33
N SER B 35 10.17 10.50 -0.12
CA SER B 35 11.49 10.85 0.40
CA SER B 35 11.47 10.91 0.43
C SER B 35 11.67 10.48 1.86
N ARG B 36 10.55 10.16 2.55
CA ARG B 36 10.55 9.77 3.94
C ARG B 36 9.99 8.39 4.13
N THR B 37 10.19 7.55 3.09
CA THR B 37 9.75 6.15 3.15
C THR B 37 10.91 5.22 2.96
N LEU B 38 11.02 4.25 3.84
CA LEU B 38 12.00 3.17 3.72
C LEU B 38 11.24 1.91 3.32
N ALA B 39 11.68 1.25 2.26
CA ALA B 39 11.25 -0.14 1.98
C ALA B 39 12.33 -1.05 2.37
N PHE B 40 11.97 -2.11 3.09
CA PHE B 40 12.97 -3.07 3.53
C PHE B 40 12.45 -4.48 3.42
N PRO B 41 13.32 -5.41 3.11
CA PRO B 41 12.96 -6.82 3.16
C PRO B 41 13.20 -7.39 4.54
N SER B 42 12.71 -8.60 4.78
CA SER B 42 12.96 -9.30 6.00
C SER B 42 14.43 -9.77 6.01
N ILE B 43 15.21 -9.18 6.90
CA ILE B 43 16.62 -9.52 7.04
C ILE B 43 16.78 -10.89 7.68
N SER B 44 17.70 -11.67 7.11
CA SER B 44 18.18 -12.95 7.70
C SER B 44 17.23 -14.12 7.52
N THR B 45 16.07 -13.94 6.92
CA THR B 45 15.08 -15.05 6.93
C THR B 45 15.01 -15.90 5.70
N ALA B 46 15.92 -15.72 4.74
CA ALA B 46 15.95 -16.66 3.61
C ALA B 46 17.29 -17.40 3.59
N ASP B 47 18.29 -16.84 2.91
CA ASP B 47 19.66 -17.47 2.89
C ASP B 47 20.25 -17.74 4.29
N PHE B 48 19.99 -16.82 5.25
CA PHE B 48 20.55 -16.92 6.55
C PHE B 48 19.71 -17.78 7.56
N GLN B 49 18.54 -18.20 7.11
CA GLN B 49 17.71 -19.23 7.83
C GLN B 49 17.26 -18.88 9.23
N PHE B 50 17.04 -17.59 9.49
CA PHE B 50 16.59 -17.19 10.73
C PHE B 50 15.07 -17.55 10.86
N ASP B 51 14.70 -18.12 12.01
CA ASP B 51 13.33 -18.56 12.29
C ASP B 51 12.34 -17.43 11.99
N LEU B 52 11.27 -17.76 11.23
CA LEU B 52 10.27 -16.70 10.84
C LEU B 52 9.43 -16.22 11.98
N ASP B 53 9.05 -17.10 12.90
CA ASP B 53 8.25 -16.66 14.02
C ASP B 53 9.01 -15.67 14.90
N ARG B 54 10.26 -15.99 15.22
CA ARG B 54 11.08 -15.11 16.04
C ARG B 54 11.36 -13.81 15.25
N ALA B 55 11.69 -13.93 13.98
CA ALA B 55 11.99 -12.72 13.13
C ALA B 55 10.79 -11.77 13.07
N SER B 56 9.58 -12.32 12.93
CA SER B 56 8.39 -11.44 12.82
C SER B 56 8.12 -10.71 14.15
N ASP B 57 8.41 -11.35 15.31
CA ASP B 57 8.31 -10.67 16.57
C ASP B 57 9.30 -9.45 16.59
N ILE B 58 10.51 -9.71 16.13
CA ILE B 58 11.57 -8.74 16.22
C ILE B 58 11.28 -7.55 15.29
N ILE B 59 10.80 -7.86 14.09
CA ILE B 59 10.40 -6.80 13.13
C ILE B 59 9.37 -5.85 13.77
N VAL B 60 8.28 -6.43 14.30
CA VAL B 60 7.22 -5.61 14.84
C VAL B 60 7.65 -4.80 16.08
N ASP B 61 8.51 -5.39 16.90
CA ASP B 61 9.01 -4.64 18.03
C ASP B 61 9.94 -3.51 17.59
N ALA B 62 10.83 -3.77 16.67
CA ALA B 62 11.75 -2.74 16.14
C ALA B 62 10.98 -1.60 15.45
N VAL B 63 9.96 -1.95 14.70
CA VAL B 63 9.08 -0.95 14.07
C VAL B 63 8.36 -0.10 15.13
N ALA B 64 7.72 -0.76 16.07
CA ALA B 64 7.05 -0.02 17.14
C ALA B 64 8.00 0.96 17.81
N ASP B 65 9.19 0.51 18.16
CA ASP B 65 10.15 1.37 18.83
C ASP B 65 10.50 2.57 17.99
N ILE B 66 10.83 2.37 16.69
CA ILE B 66 11.25 3.49 15.87
C ILE B 66 10.10 4.47 15.57
N LEU B 67 8.84 3.96 15.46
CA LEU B 67 7.69 4.85 15.23
C LEU B 67 7.33 5.65 16.48
N GLN B 68 7.63 5.11 17.63
CA GLN B 68 7.45 5.89 18.90
C GLN B 68 8.52 7.01 19.00
N LYS B 69 9.72 6.73 18.53
CA LYS B 69 10.80 7.68 18.65
C LYS B 69 10.80 8.85 17.64
N TYR B 70 10.36 8.55 16.38
CA TYR B 70 10.38 9.46 15.26
C TYR B 70 9.05 9.62 14.59
N ASP B 71 8.71 10.87 14.33
CA ASP B 71 7.59 11.26 13.54
C ASP B 71 8.00 11.37 12.06
N ASN B 72 6.99 11.38 11.22
CA ASN B 72 7.13 11.80 9.84
C ASN B 72 8.04 10.87 9.04
N ILE B 73 8.11 9.63 9.44
CA ILE B 73 8.71 8.57 8.58
C ILE B 73 7.68 7.49 8.32
N ARG B 74 7.88 6.75 7.25
CA ARG B 74 7.05 5.66 6.91
CA ARG B 74 7.02 5.66 6.82
C ARG B 74 7.91 4.45 6.55
N LEU B 75 7.48 3.28 6.99
CA LEU B 75 8.27 2.04 6.88
C LEU B 75 7.39 1.01 6.17
N VAL B 76 7.98 0.34 5.19
CA VAL B 76 7.26 -0.65 4.35
C VAL B 76 8.06 -1.93 4.26
N LEU B 77 7.53 -3.00 4.86
CA LEU B 77 8.12 -4.33 4.72
C LEU B 77 7.67 -4.97 3.44
N VAL B 78 8.65 -5.35 2.58
CA VAL B 78 8.34 -5.87 1.27
CA VAL B 78 8.37 -5.83 1.23
C VAL B 78 8.82 -7.29 1.09
N ASP B 79 8.04 -8.08 0.36
CA ASP B 79 8.46 -9.42 -0.06
C ASP B 79 7.83 -9.72 -1.42
N LEU B 80 8.45 -10.62 -2.18
CA LEU B 80 8.10 -10.82 -3.57
C LEU B 80 6.75 -11.52 -3.79
N SER B 81 6.38 -12.38 -2.87
CA SER B 81 5.17 -13.21 -3.08
C SER B 81 4.06 -12.91 -2.17
N HIS B 82 2.84 -12.94 -2.70
CA HIS B 82 1.68 -12.76 -1.87
C HIS B 82 1.47 -13.87 -0.91
N LYS B 83 2.14 -15.02 -1.12
CA LYS B 83 2.07 -16.13 -0.16
C LYS B 83 3.13 -16.06 0.93
N SER B 84 3.89 -14.97 0.94
CA SER B 84 4.97 -14.81 1.92
C SER B 84 4.53 -15.09 3.32
N ARG B 85 5.21 -16.03 3.96
CA ARG B 85 4.96 -16.29 5.34
C ARG B 85 5.37 -15.14 6.27
N ILE B 86 6.53 -14.54 6.00
CA ILE B 86 6.95 -13.45 6.83
C ILE B 86 5.94 -12.27 6.78
N LEU B 87 5.41 -11.95 5.60
CA LEU B 87 4.43 -10.83 5.52
C LEU B 87 3.19 -11.19 6.33
N SER B 88 2.74 -12.47 6.24
CA SER B 88 1.53 -12.87 6.91
CA SER B 88 1.53 -12.89 6.91
C SER B 88 1.68 -12.79 8.41
N LEU B 89 2.85 -13.23 8.93
CA LEU B 89 3.10 -13.18 10.33
C LEU B 89 3.20 -11.75 10.85
N VAL B 90 3.94 -10.94 10.13
CA VAL B 90 4.11 -9.59 10.54
C VAL B 90 2.73 -8.83 10.52
N LYS B 91 1.91 -9.07 9.50
CA LYS B 91 0.57 -8.42 9.44
C LYS B 91 -0.23 -8.78 10.68
N GLU B 92 -0.19 -10.04 11.07
CA GLU B 92 -0.97 -10.50 12.25
C GLU B 92 -0.50 -9.83 13.52
N LYS B 93 0.82 -9.80 13.67
CA LYS B 93 1.46 -9.24 14.84
C LYS B 93 1.37 -7.72 14.92
N ALA B 94 1.45 -7.06 13.77
CA ALA B 94 1.32 -5.62 13.77
C ALA B 94 -0.11 -5.21 14.16
N ALA B 95 -1.09 -5.99 13.71
CA ALA B 95 -2.49 -5.72 14.08
C ALA B 95 -2.68 -5.93 15.59
N LYS B 96 -2.08 -6.96 16.16
CA LYS B 96 -2.18 -7.19 17.59
C LYS B 96 -1.54 -6.06 18.40
N LYS B 97 -0.41 -5.54 17.93
CA LYS B 97 0.29 -4.44 18.62
C LYS B 97 -0.25 -3.05 18.31
N ASN B 98 -1.26 -2.99 17.47
CA ASN B 98 -1.86 -1.78 17.07
C ASN B 98 -0.88 -0.79 16.49
N ILE B 99 0.05 -1.27 15.69
CA ILE B 99 0.95 -0.36 14.96
C ILE B 99 0.16 0.52 14.02
N ASN B 100 0.46 1.82 14.02
CA ASN B 100 -0.19 2.77 13.14
C ASN B 100 -0.03 2.41 11.67
N SER B 101 -1.13 2.02 11.01
CA SER B 101 -1.08 1.47 9.66
C SER B 101 -0.88 2.50 8.54
N SER B 102 -0.87 3.82 8.85
CA SER B 102 -0.43 4.80 7.88
C SER B 102 1.09 4.97 7.89
N ARG B 103 1.75 4.50 8.96
CA ARG B 103 3.19 4.68 9.17
C ARG B 103 3.98 3.42 8.93
N PHE B 104 3.35 2.26 9.10
CA PHE B 104 3.99 0.95 8.76
C PHE B 104 2.93 0.12 8.06
N PHE B 105 3.34 -0.55 6.99
CA PHE B 105 2.57 -1.59 6.40
C PHE B 105 3.43 -2.57 5.61
N THR B 106 2.84 -3.72 5.25
CA THR B 106 3.54 -4.69 4.38
C THR B 106 3.12 -4.45 2.95
N PHE B 107 3.95 -4.90 1.99
CA PHE B 107 3.64 -4.68 0.58
C PHE B 107 4.24 -5.79 -0.21
N VAL B 108 3.46 -6.34 -1.15
CA VAL B 108 3.95 -7.37 -2.02
C VAL B 108 4.57 -6.77 -3.27
N GLY B 109 5.83 -7.06 -3.49
CA GLY B 109 6.49 -6.51 -4.67
C GLY B 109 7.95 -6.83 -4.72
N ASP B 110 8.55 -6.46 -5.84
CA ASP B 110 9.98 -6.52 -6.03
C ASP B 110 10.53 -5.19 -5.56
N ILE B 111 11.43 -5.26 -4.60
CA ILE B 111 11.97 -4.04 -3.94
C ILE B 111 12.69 -3.14 -4.92
N THR B 112 13.05 -3.68 -6.10
CA THR B 112 13.66 -2.90 -7.15
C THR B 112 12.70 -2.39 -8.22
N GLN B 113 11.39 -2.62 -8.01
CA GLN B 113 10.41 -2.16 -8.96
C GLN B 113 9.21 -1.55 -8.26
N LEU B 114 9.46 -0.88 -7.14
CA LEU B 114 8.33 -0.45 -6.36
C LEU B 114 7.51 0.62 -7.01
N GLN B 115 8.14 1.58 -7.69
CA GLN B 115 7.39 2.65 -8.37
C GLN B 115 6.76 2.10 -9.66
N SER B 116 7.57 1.49 -10.48
CA SER B 116 7.13 1.09 -11.84
C SER B 116 6.04 -0.01 -11.82
N LYS B 117 6.25 -1.06 -11.04
CA LYS B 117 5.32 -2.19 -10.98
C LYS B 117 4.46 -2.11 -9.76
N GLY B 118 4.97 -1.57 -8.67
CA GLY B 118 4.16 -1.41 -7.44
C GLY B 118 3.29 -0.18 -7.34
N GLY B 119 3.61 0.85 -8.09
CA GLY B 119 2.93 2.14 -7.94
C GLY B 119 3.21 2.87 -6.66
N LEU B 120 4.27 2.48 -5.95
CA LEU B 120 4.59 3.06 -4.67
C LEU B 120 6.06 3.43 -4.61
N ARG B 121 6.37 4.68 -4.85
CA ARG B 121 7.75 5.09 -4.79
C ARG B 121 8.26 5.15 -3.38
N CYS B 122 9.40 4.54 -3.21
CA CYS B 122 10.12 4.58 -1.92
CA CYS B 122 10.09 4.53 -2.00
C CYS B 122 11.56 4.99 -2.22
N ASN B 123 11.97 6.12 -1.68
CA ASN B 123 13.32 6.63 -2.07
C ASN B 123 14.44 5.89 -1.42
N VAL B 124 14.23 5.25 -0.27
CA VAL B 124 15.31 4.55 0.38
C VAL B 124 14.93 3.08 0.45
N ILE B 125 15.82 2.22 0.06
CA ILE B 125 15.58 0.80 0.21
C ILE B 125 16.69 0.15 1.01
N ALA B 126 16.37 -0.88 1.73
CA ALA B 126 17.35 -1.70 2.43
C ALA B 126 17.72 -2.94 1.65
N ASN B 127 18.97 -3.35 1.80
CA ASN B 127 19.50 -4.56 1.17
C ASN B 127 19.96 -5.55 2.27
N ALA B 128 19.57 -6.81 2.12
CA ALA B 128 20.12 -7.86 2.96
C ALA B 128 21.47 -8.31 2.33
N ALA B 129 22.50 -7.70 2.81
CA ALA B 129 23.79 -7.72 2.20
C ALA B 129 24.53 -8.95 2.69
N ASN B 130 25.68 -9.19 2.03
CA ASN B 130 26.71 -10.07 2.56
C ASN B 130 27.86 -9.27 3.15
N TRP B 131 28.73 -9.92 3.93
CA TRP B 131 29.65 -9.14 4.77
C TRP B 131 30.69 -8.31 3.94
N ARG B 132 30.95 -8.76 2.72
CA ARG B 132 31.93 -8.08 1.85
C ARG B 132 31.31 -6.94 1.04
N LEU B 133 29.99 -6.82 1.15
CA LEU B 133 29.23 -5.83 0.37
C LEU B 133 29.46 -6.01 -1.14
N LYS B 134 29.44 -7.25 -1.60
CA LYS B 134 29.61 -7.52 -3.02
C LYS B 134 28.33 -7.90 -3.67
N PRO B 135 28.31 -7.85 -4.99
CA PRO B 135 27.16 -8.33 -5.70
C PRO B 135 27.02 -9.82 -5.62
N GLY B 136 25.90 -10.29 -6.13
CA GLY B 136 25.64 -11.69 -6.34
C GLY B 136 25.07 -12.42 -5.14
N GLY B 137 25.17 -13.75 -5.17
CA GLY B 137 24.75 -14.56 -4.06
C GLY B 137 23.25 -14.82 -4.03
N GLY B 138 22.56 -14.48 -5.10
CA GLY B 138 21.12 -14.60 -5.11
C GLY B 138 20.47 -13.64 -4.12
N GLY B 139 19.20 -13.88 -3.89
CA GLY B 139 18.41 -13.08 -2.99
C GLY B 139 18.28 -11.62 -3.39
N VAL B 140 17.87 -10.83 -2.40
CA VAL B 140 17.61 -9.48 -2.64
C VAL B 140 18.88 -8.73 -2.99
N ASN B 141 20.00 -9.15 -2.48
CA ASN B 141 21.30 -8.47 -2.82
C ASN B 141 21.57 -8.53 -4.32
N ALA B 142 21.40 -9.73 -4.91
CA ALA B 142 21.58 -9.88 -6.35
C ALA B 142 20.63 -9.01 -7.13
N ALA B 143 19.35 -8.96 -6.69
CA ALA B 143 18.36 -8.15 -7.35
C ALA B 143 18.68 -6.69 -7.31
N ILE B 144 19.10 -6.20 -6.16
CA ILE B 144 19.43 -4.83 -6.02
C ILE B 144 20.69 -4.44 -6.86
N TYR B 145 21.74 -5.24 -6.78
CA TYR B 145 22.94 -4.91 -7.57
C TYR B 145 22.66 -5.00 -9.08
N ASN B 146 21.84 -5.98 -9.49
CA ASN B 146 21.48 -6.10 -10.89
C ASN B 146 20.70 -4.90 -11.39
N ALA B 147 19.79 -4.40 -10.57
CA ALA B 147 18.96 -3.30 -10.99
C ALA B 147 19.73 -2.00 -10.95
N ALA B 148 20.59 -1.84 -9.91
CA ALA B 148 21.32 -0.61 -9.69
C ALA B 148 22.48 -0.43 -10.66
N GLY B 149 23.05 -1.56 -11.05
CA GLY B 149 24.27 -1.59 -11.85
C GLY B 149 25.53 -1.19 -11.15
N GLU B 150 26.59 -0.96 -11.96
CA GLU B 150 27.92 -0.67 -11.44
C GLU B 150 28.02 0.59 -10.56
N ASP B 151 27.14 1.56 -10.75
CA ASP B 151 27.14 2.73 -9.90
C ASP B 151 27.08 2.36 -8.41
N LEU B 152 26.34 1.30 -8.07
CA LEU B 152 26.16 0.92 -6.67
C LEU B 152 27.48 0.29 -6.13
N GLN B 153 28.19 -0.47 -6.98
CA GLN B 153 29.50 -1.02 -6.57
C GLN B 153 30.49 0.13 -6.30
N ARG B 154 30.53 1.10 -7.21
CA ARG B 154 31.41 2.26 -7.01
C ARG B 154 31.06 3.06 -5.76
N ALA B 155 29.77 3.35 -5.54
CA ALA B 155 29.37 4.14 -4.42
C ALA B 155 29.60 3.38 -3.10
N THR B 156 29.38 2.05 -3.11
CA THR B 156 29.50 1.26 -1.89
C THR B 156 30.99 1.22 -1.44
N LYS B 157 31.87 1.10 -2.42
CA LYS B 157 33.33 1.10 -2.16
C LYS B 157 33.81 2.44 -1.64
N GLU B 158 33.21 3.53 -2.08
CA GLU B 158 33.47 4.85 -1.49
C GLU B 158 33.03 5.04 -0.05
N CYS B 159 31.95 4.37 0.35
CA CYS B 159 31.35 4.57 1.70
C CYS B 159 31.74 3.59 2.72
N ALA B 160 32.14 2.41 2.31
CA ALA B 160 32.27 1.31 3.25
C ALA B 160 33.19 0.32 2.71
N ASP B 161 33.71 -0.55 3.56
CA ASP B 161 34.50 -1.68 3.09
CA ASP B 161 34.52 -1.65 3.15
C ASP B 161 33.74 -2.97 3.35
N THR B 162 33.56 -3.32 4.61
CA THR B 162 32.88 -4.56 4.97
C THR B 162 31.93 -4.26 6.16
N LEU B 163 31.01 -5.19 6.43
CA LEU B 163 30.11 -5.14 7.58
C LEU B 163 30.35 -6.34 8.52
N ARG B 164 30.04 -6.12 9.79
CA ARG B 164 29.88 -7.18 10.76
C ARG B 164 28.42 -7.30 11.17
N PRO B 165 28.01 -8.49 11.63
CA PRO B 165 26.58 -8.69 11.82
C PRO B 165 25.96 -7.75 12.81
N GLY B 166 24.79 -7.23 12.50
CA GLY B 166 24.15 -6.23 13.31
C GLY B 166 24.38 -4.80 12.86
N SER B 167 25.17 -4.60 11.79
CA SER B 167 25.58 -3.28 11.32
C SER B 167 24.92 -3.00 9.96
N SER B 168 24.89 -1.72 9.61
CA SER B 168 24.39 -1.32 8.33
C SER B 168 25.20 -0.12 7.87
N VAL B 169 25.11 0.19 6.58
CA VAL B 169 25.73 1.40 6.04
C VAL B 169 24.86 1.98 4.91
N ALA B 170 24.68 3.30 4.94
CA ALA B 170 23.91 4.01 3.95
C ALA B 170 24.79 4.44 2.80
N VAL B 171 24.32 4.18 1.60
CA VAL B 171 25.07 4.53 0.39
C VAL B 171 24.19 5.36 -0.51
N PRO B 172 24.62 6.58 -0.86
CA PRO B 172 23.84 7.29 -1.84
C PRO B 172 23.94 6.67 -3.19
N LEU B 173 22.80 6.55 -3.88
CA LEU B 173 22.75 5.92 -5.18
C LEU B 173 22.75 6.99 -6.24
N PRO B 174 23.82 7.05 -7.07
CA PRO B 174 23.89 8.07 -8.09
C PRO B 174 22.65 8.16 -9.03
N SER B 175 22.30 9.38 -9.45
CA SER B 175 21.18 9.58 -10.36
C SER B 175 21.38 8.92 -11.73
N THR B 176 22.63 8.52 -12.03
CA THR B 176 22.91 7.81 -13.26
C THR B 176 22.46 6.34 -13.22
N SER B 177 22.18 5.82 -12.00
CA SER B 177 21.78 4.43 -11.88
C SER B 177 20.34 4.27 -12.47
N PRO B 178 20.13 3.24 -13.26
CA PRO B 178 18.78 2.93 -13.76
C PRO B 178 17.76 2.76 -12.64
N LEU B 179 18.20 2.27 -11.49
CA LEU B 179 17.29 2.08 -10.33
C LEU B 179 16.84 3.42 -9.79
N HIS B 180 17.71 4.41 -9.80
CA HIS B 180 17.36 5.78 -9.43
C HIS B 180 16.39 6.39 -10.46
N GLN B 181 16.77 6.31 -11.74
CA GLN B 181 15.95 6.88 -12.80
C GLN B 181 14.53 6.30 -12.83
N ARG B 182 14.43 4.99 -12.73
CA ARG B 182 13.15 4.28 -12.98
C ARG B 182 12.32 4.17 -11.75
N GLU B 183 12.96 4.10 -10.61
CA GLU B 183 12.19 3.87 -9.33
C GLU B 183 12.31 4.93 -8.30
N GLY B 184 13.13 5.96 -8.54
CA GLY B 184 13.24 7.06 -7.61
C GLY B 184 14.10 6.80 -6.39
N VAL B 185 14.83 5.69 -6.38
CA VAL B 185 15.67 5.33 -5.25
C VAL B 185 16.92 6.23 -5.18
N THR B 186 17.10 6.90 -4.03
CA THR B 186 18.20 7.82 -3.83
C THR B 186 19.27 7.23 -2.94
N HIS B 187 18.92 6.20 -2.15
CA HIS B 187 19.85 5.62 -1.20
C HIS B 187 19.55 4.20 -1.00
N ILE B 188 20.61 3.43 -0.82
CA ILE B 188 20.50 2.04 -0.48
C ILE B 188 21.17 1.85 0.87
N ILE B 189 20.52 1.15 1.82
CA ILE B 189 21.18 0.86 3.08
C ILE B 189 21.47 -0.61 3.16
N HIS B 190 22.78 -0.98 3.10
CA HIS B 190 23.16 -2.34 3.20
C HIS B 190 23.12 -2.74 4.65
N VAL B 191 22.50 -3.87 4.95
CA VAL B 191 22.36 -4.37 6.34
C VAL B 191 22.84 -5.79 6.40
N LEU B 192 23.62 -6.13 7.42
CA LEU B 192 24.08 -7.52 7.61
C LEU B 192 23.41 -8.12 8.84
N GLY B 193 22.51 -9.06 8.63
CA GLY B 193 21.83 -9.69 9.74
C GLY B 193 22.62 -10.85 10.26
N PRO B 194 22.15 -11.45 11.38
CA PRO B 194 22.75 -12.68 11.92
C PRO B 194 22.57 -13.82 10.96
N ASN B 195 23.55 -14.72 10.96
CA ASN B 195 23.44 -15.89 10.15
C ASN B 195 23.21 -17.14 11.03
N MET B 196 22.14 -17.88 10.70
CA MET B 196 21.81 -19.19 11.35
C MET B 196 22.12 -20.35 10.49
N ASN B 197 22.54 -20.10 9.27
CA ASN B 197 22.81 -21.13 8.34
C ASN B 197 24.25 -21.67 8.58
N PRO B 198 24.35 -22.96 8.99
CA PRO B 198 25.70 -23.50 9.29
C PRO B 198 26.67 -23.57 8.08
N MET B 199 26.15 -23.41 6.87
CA MET B 199 26.96 -23.36 5.66
C MET B 199 27.21 -21.93 5.21
N ARG B 200 27.17 -21.00 6.17
CA ARG B 200 27.64 -19.65 5.95
C ARG B 200 28.57 -19.31 7.09
N PRO B 201 29.46 -18.33 6.85
CA PRO B 201 30.39 -17.89 7.89
C PRO B 201 29.66 -17.36 9.14
N ASP B 202 30.29 -17.46 10.28
CA ASP B 202 29.80 -16.70 11.38
C ASP B 202 28.36 -17.19 11.75
N CYS B 203 28.14 -18.50 11.61
CA CYS B 203 26.86 -19.12 12.02
C CYS B 203 26.70 -19.02 13.49
N LEU B 204 25.49 -18.71 13.92
CA LEU B 204 25.21 -18.66 15.31
C LEU B 204 24.63 -20.01 15.81
N LYS B 205 24.51 -20.98 14.90
CA LYS B 205 24.24 -22.38 15.28
C LYS B 205 23.14 -22.40 16.34
N ASN B 206 22.03 -21.74 15.99
CA ASN B 206 20.83 -21.69 16.84
C ASN B 206 21.00 -21.14 18.28
N ASP B 207 22.07 -20.37 18.56
CA ASP B 207 22.10 -19.47 19.73
C ASP B 207 21.21 -18.28 19.38
N TYR B 208 19.91 -18.45 19.63
CA TYR B 208 18.94 -17.43 19.29
C TYR B 208 18.87 -16.31 20.30
N THR B 209 19.47 -16.48 21.48
CA THR B 209 19.63 -15.38 22.37
C THR B 209 20.52 -14.34 21.66
N LYS B 210 21.67 -14.78 21.19
CA LYS B 210 22.61 -13.87 20.51
C LYS B 210 22.02 -13.45 19.17
N GLY B 211 21.45 -14.42 18.46
CA GLY B 211 20.81 -14.19 17.17
C GLY B 211 19.72 -13.14 17.21
N SER B 212 18.83 -13.24 18.19
CA SER B 212 17.77 -12.22 18.35
C SER B 212 18.32 -10.85 18.67
N LYS B 213 19.31 -10.80 19.57
CA LYS B 213 19.96 -9.53 19.89
C LYS B 213 20.58 -8.88 18.61
N ILE B 214 21.27 -9.67 17.85
CA ILE B 214 21.94 -9.17 16.64
C ILE B 214 20.90 -8.75 15.54
N LEU B 215 19.81 -9.50 15.41
CA LEU B 215 18.78 -9.06 14.46
C LEU B 215 18.09 -7.77 14.94
N HIS B 216 17.80 -7.64 16.24
CA HIS B 216 17.29 -6.36 16.81
C HIS B 216 18.29 -5.20 16.50
N GLU B 217 19.58 -5.46 16.69
CA GLU B 217 20.59 -4.45 16.39
C GLU B 217 20.62 -4.09 14.90
N ALA B 218 20.48 -5.08 14.04
CA ALA B 218 20.46 -4.83 12.55
C ALA B 218 19.30 -3.89 12.21
N TYR B 219 18.13 -4.18 12.73
CA TYR B 219 16.97 -3.31 12.44
C TYR B 219 17.15 -1.91 13.01
N THR B 220 17.63 -1.82 14.28
CA THR B 220 17.85 -0.51 14.88
C THR B 220 18.85 0.29 14.02
N SER B 221 19.92 -0.37 13.63
CA SER B 221 20.97 0.26 12.81
C SER B 221 20.39 0.77 11.47
N LEU B 222 19.63 -0.09 10.81
CA LEU B 222 18.99 0.23 9.57
C LEU B 222 18.10 1.44 9.72
N PHE B 223 17.21 1.39 10.70
CA PHE B 223 16.24 2.45 10.85
C PHE B 223 16.90 3.79 11.29
N GLU B 224 17.97 3.71 12.08
CA GLU B 224 18.70 4.92 12.43
C GLU B 224 19.46 5.51 11.26
N ASN B 225 20.05 4.65 10.41
CA ASN B 225 20.63 5.13 9.13
C ASN B 225 19.61 5.79 8.25
N PHE B 226 18.40 5.24 8.19
CA PHE B 226 17.35 5.84 7.39
C PHE B 226 16.93 7.18 7.92
N VAL B 227 16.68 7.28 9.20
CA VAL B 227 16.26 8.59 9.74
C VAL B 227 17.33 9.64 9.54
N ALA B 228 18.60 9.26 9.66
CA ALA B 228 19.70 10.21 9.45
C ALA B 228 19.76 10.76 8.02
N ILE B 229 19.30 9.94 7.05
CA ILE B 229 19.20 10.38 5.64
C ILE B 229 18.04 11.36 5.48
N VAL B 230 16.87 11.04 6.05
CA VAL B 230 15.63 11.73 5.62
C VAL B 230 15.15 12.88 6.47
N GLN B 231 15.71 13.07 7.67
CA GLN B 231 15.46 14.33 8.44
C GLN B 231 16.75 15.02 8.81
N1 AR6 C . -10.84 9.90 1.57
C2 AR6 C . -11.07 8.61 1.89
N3 AR6 C . -12.12 8.19 2.56
C4 AR6 C . -13.07 9.07 2.98
C5 AR6 C . -12.94 10.47 2.68
C6 AR6 C . -11.75 10.87 1.93
N6 AR6 C . -11.52 12.12 1.58
N7 AR6 C . -14.07 11.11 3.24
C8 AR6 C . -14.83 10.15 3.78
N9 AR6 C . -14.25 8.90 3.63
PA AR6 C . -19.60 8.67 3.11
PB AR6 C . -21.95 6.95 2.49
C1' AR6 C . -14.78 7.61 3.97
O1A AR6 C . -20.40 9.23 4.30
O1B AR6 C . -22.07 6.43 3.90
C1D AR6 C . -22.30 11.72 0.81
O1D AR6 C . -22.00 13.05 1.18
C2' AR6 C . -15.60 7.48 5.25
O2' AR6 C . -14.78 7.48 6.45
O2A AR6 C . -18.88 9.59 2.20
O2B AR6 C . -22.14 6.01 1.33
C2D AR6 C . -23.30 11.73 -0.39
O2D AR6 C . -23.79 13.11 -0.66
C3' AR6 C . -16.35 6.19 4.98
O3' AR6 C . -15.58 5.02 5.33
O3A AR6 C . -20.55 7.71 2.21
C3D AR6 C . -24.41 10.81 0.02
O3D AR6 C . -25.55 11.67 0.32
C4' AR6 C . -16.57 6.22 3.44
O4' AR6 C . -15.74 7.24 2.93
C4D AR6 C . -23.90 10.08 1.27
O4D AR6 C . -22.87 10.90 1.88
C5' AR6 C . -17.99 6.48 3.04
O5' AR6 C . -18.56 7.59 3.78
C5D AR6 C . -23.25 8.73 1.02
O5D AR6 C . -23.03 8.15 2.33
P PO4 D . -20.98 -11.31 -6.96
O1 PO4 D . -20.15 -10.94 -5.65
O2 PO4 D . -21.72 -10.09 -7.44
O3 PO4 D . -21.91 -12.55 -6.65
O4 PO4 D . -20.00 -11.74 -8.06
P PO4 E . -22.20 -12.29 2.34
O1 PO4 E . -21.92 -12.52 3.83
O2 PO4 E . -22.46 -13.60 1.61
O3 PO4 E . -23.46 -11.42 2.19
O4 PO4 E . -20.95 -11.61 1.70
N1 AR6 F . 12.21 -7.98 -3.63
C2 AR6 F . 11.68 -8.12 -2.41
N3 AR6 F . 11.97 -9.12 -1.56
C4 AR6 F . 12.91 -9.99 -1.94
C5 AR6 F . 13.50 -9.92 -3.27
C6 AR6 F . 13.14 -8.81 -4.14
N6 AR6 F . 13.62 -8.65 -5.38
N7 AR6 F . 14.38 -10.96 -3.36
C8 AR6 F . 14.36 -11.65 -2.19
N9 AR6 F . 13.46 -11.04 -1.32
PA AR6 F . 17.71 -12.87 1.32
PB AR6 F . 19.17 -12.99 3.94
C1' AR6 F . 13.17 -11.34 0.05
O1A AR6 F . 18.04 -14.36 1.05
O1B AR6 F . 19.48 -11.90 4.96
C1D AR6 F . 22.25 -12.57 -0.25
O1D AR6 F . 22.19 -12.90 -1.64
C2' AR6 F . 13.21 -12.81 0.47
O2' AR6 F . 12.04 -13.56 0.09
O2A AR6 F . 17.91 -11.98 0.14
O2B AR6 F . 18.40 -14.22 4.52
C2D AR6 F . 23.65 -12.13 0.20
O2D AR6 F . 24.70 -12.40 -0.80
C3' AR6 F . 13.36 -12.60 1.99
O3' AR6 F . 12.03 -12.36 2.56
O3A AR6 F . 18.52 -12.32 2.63
C3D AR6 F . 23.88 -12.88 1.50
O3D AR6 F . 24.87 -13.88 1.22
C4' AR6 F . 14.22 -11.31 2.18
O4' AR6 F . 14.17 -10.66 0.90
C4D AR6 F . 22.54 -13.52 1.91
O4D AR6 F . 21.83 -13.65 0.65
C5' AR6 F . 15.70 -11.57 2.52
O5' AR6 F . 16.17 -12.73 1.78
C5D AR6 F . 21.69 -12.70 2.92
O5D AR6 F . 20.58 -13.55 3.33
P PO4 G . 11.50 -9.54 21.13
O1 PO4 G . 11.52 -9.04 22.58
O2 PO4 G . 12.86 -10.17 20.79
O3 PO4 G . 11.22 -8.34 20.18
O4 PO4 G . 10.41 -10.57 20.97
N GLY H . 0.48 5.69 17.09
CA GLY H . 0.67 6.66 15.97
C GLY H . 2.16 6.82 15.58
O GLY H . 2.60 7.96 15.35
OXT GLY H . 2.97 5.82 15.46
N GLY I . 22.14 -25.35 4.26
CA GLY I . 22.85 -24.56 3.22
C GLY I . 21.98 -24.22 2.03
O GLY I . 22.30 -23.35 1.23
OXT GLY I . 20.93 -24.82 1.86
#